data_8J1X
#
_entry.id   8J1X
#
_cell.length_a   64.330
_cell.length_b   50.545
_cell.length_c   66.651
_cell.angle_alpha   90.000
_cell.angle_beta   112.379
_cell.angle_gamma   90.000
#
_symmetry.space_group_name_H-M   'C 1 2 1'
#
loop_
_entity.id
_entity.type
_entity.pdbx_description
1 polymer 'near-infrared fluorescent protein'
2 water water
#
_entity_poly.entity_id   1
_entity_poly.type   'polypeptide(L)'
_entity_poly.pdbx_seq_one_letter_code
;MGSSHHHHHHSSGLVPRGSHMASMTGGQQMGRGSEDFQYAIDMFKKFIEEAAASMGPEAVKYAKEFLKLLKEYHKNGINN
RLLKIALLLLRNQKKIVDKASQDLWRRHPELIAPGGIAFSQRDRALCLRDYGWFLILIVMCLVSGDKGPIEKIGLKCIRE
MYNSLGVVPAMMESIRCLKEASLSLLDEEDANETAPYFDYIIKAMSLEHHHHHH
;
_entity_poly.pdbx_strand_id   A
#
# COMPACT_ATOMS: atom_id res chain seq x y z
N GLY A 33 12.37 -19.70 -0.19
CA GLY A 33 11.25 -19.75 -1.10
C GLY A 33 9.92 -19.64 -0.38
N SER A 34 9.52 -20.74 0.28
CA SER A 34 8.28 -20.73 1.06
C SER A 34 8.38 -19.84 2.29
N GLU A 35 9.59 -19.61 2.81
CA GLU A 35 9.74 -18.76 3.98
C GLU A 35 9.66 -17.29 3.66
N ASP A 36 10.03 -16.89 2.44
CA ASP A 36 9.90 -15.48 2.10
C ASP A 36 8.46 -15.15 1.73
N PHE A 37 7.74 -16.10 1.11
CA PHE A 37 6.30 -15.88 0.96
C PHE A 37 5.59 -15.82 2.33
N GLN A 38 6.07 -16.58 3.30
CA GLN A 38 5.45 -16.54 4.62
C GLN A 38 5.73 -15.21 5.33
N TYR A 39 6.91 -14.61 5.08
CA TYR A 39 7.15 -13.26 5.56
C TYR A 39 6.10 -12.30 5.03
N ALA A 40 5.80 -12.40 3.73
CA ALA A 40 4.81 -11.49 3.15
C ALA A 40 3.44 -11.74 3.75
N ILE A 41 3.06 -13.02 3.90
CA ILE A 41 1.77 -13.35 4.51
C ILE A 41 1.71 -12.83 5.95
N ASP A 42 2.77 -13.06 6.73
CA ASP A 42 2.79 -12.55 8.10
C ASP A 42 2.61 -11.04 8.11
N MET A 43 3.25 -10.35 7.15
CA MET A 43 3.11 -8.91 7.07
C MET A 43 1.66 -8.49 6.76
N PHE A 44 1.05 -9.12 5.76
CA PHE A 44 -0.33 -8.76 5.41
C PHE A 44 -1.30 -9.13 6.52
N LYS A 45 -1.14 -10.32 7.09
CA LYS A 45 -2.00 -10.77 8.19
C LYS A 45 -1.88 -9.86 9.40
N LYS A 46 -0.70 -9.30 9.65
CA LYS A 46 -0.55 -8.39 10.77
C LYS A 46 -1.18 -7.04 10.46
N PHE A 47 -1.10 -6.58 9.20
CA PHE A 47 -1.79 -5.37 8.79
C PHE A 47 -3.30 -5.49 9.02
N ILE A 48 -3.89 -6.62 8.60
CA ILE A 48 -5.35 -6.80 8.73
C ILE A 48 -5.78 -6.70 10.20
N GLU A 49 -5.10 -7.41 11.10
CA GLU A 49 -5.54 -7.41 12.49
C GLU A 49 -5.37 -6.03 13.13
N GLU A 50 -4.34 -5.30 12.73
CA GLU A 50 -4.11 -3.97 13.29
C GLU A 50 -5.07 -2.92 12.73
N ALA A 51 -5.51 -3.09 11.48
CA ALA A 51 -6.32 -2.04 10.83
C ALA A 51 -7.81 -2.43 10.73
N ALA A 52 -8.17 -3.65 11.13
CA ALA A 52 -9.55 -4.13 10.96
C ALA A 52 -10.58 -3.14 11.51
N ALA A 53 -10.38 -2.66 12.73
CA ALA A 53 -11.37 -1.75 13.35
C ALA A 53 -11.47 -0.47 12.55
N SER A 54 -10.34 0.06 12.10
CA SER A 54 -10.36 1.37 11.41
C SER A 54 -10.79 1.23 9.94
N MET A 55 -10.49 0.10 9.30
CA MET A 55 -10.79 -0.03 7.84
C MET A 55 -12.23 -0.50 7.60
N GLY A 56 -12.90 -1.00 8.63
CA GLY A 56 -14.29 -1.39 8.46
C GLY A 56 -14.46 -2.82 7.97
N PRO A 57 -15.61 -3.44 8.28
CA PRO A 57 -15.75 -4.88 8.04
C PRO A 57 -15.72 -5.26 6.58
N GLU A 58 -16.25 -4.41 5.70
CA GLU A 58 -16.25 -4.71 4.27
C GLU A 58 -14.83 -4.77 3.73
N ALA A 59 -13.98 -3.82 4.13
CA ALA A 59 -12.60 -3.85 3.68
C ALA A 59 -11.88 -5.06 4.22
N VAL A 60 -12.17 -5.44 5.47
CA VAL A 60 -11.59 -6.65 6.04
C VAL A 60 -11.96 -7.87 5.21
N LYS A 61 -13.20 -7.92 4.73
CA LYS A 61 -13.64 -9.05 3.91
C LYS A 61 -12.83 -9.12 2.62
N TYR A 62 -12.69 -8.01 1.93
CA TYR A 62 -11.93 -8.01 0.66
C TYR A 62 -10.47 -8.41 0.90
N ALA A 63 -9.87 -7.89 1.98
CA ALA A 63 -8.44 -8.15 2.26
C ALA A 63 -8.17 -9.65 2.46
N LYS A 64 -9.04 -10.32 3.19
CA LYS A 64 -8.88 -11.77 3.47
C LYS A 64 -9.06 -12.57 2.17
N GLU A 65 -9.97 -12.15 1.29
CA GLU A 65 -10.14 -12.84 -0.02
C GLU A 65 -8.85 -12.69 -0.82
N PHE A 66 -8.24 -11.50 -0.79
CA PHE A 66 -7.01 -11.25 -1.56
C PHE A 66 -5.89 -12.15 -1.01
N LEU A 67 -5.80 -12.25 0.31
CA LEU A 67 -4.73 -13.06 0.95
C LEU A 67 -4.88 -14.52 0.51
N LYS A 68 -6.11 -15.00 0.44
CA LYS A 68 -6.36 -16.41 0.02
C LYS A 68 -6.02 -16.59 -1.45
N LEU A 69 -6.32 -15.60 -2.29
CA LEU A 69 -5.94 -15.68 -3.71
C LEU A 69 -4.42 -15.68 -3.80
N LEU A 70 -3.78 -14.81 -3.02
CA LEU A 70 -2.29 -14.75 -3.04
C LEU A 70 -1.74 -16.11 -2.66
N LYS A 71 -2.29 -16.76 -1.64
CA LYS A 71 -1.78 -18.08 -1.29
C LYS A 71 -2.16 -19.12 -2.34
N GLU A 72 -3.31 -18.95 -3.00
CA GLU A 72 -3.68 -19.83 -4.10
C GLU A 72 -2.75 -19.65 -5.29
N TYR A 73 -2.37 -18.39 -5.58
CA TYR A 73 -1.40 -18.12 -6.62
C TYR A 73 -0.04 -18.75 -6.30
N HIS A 74 0.41 -18.59 -5.05
CA HIS A 74 1.72 -19.13 -4.68
C HIS A 74 1.73 -20.65 -4.76
N LYS A 75 0.68 -21.29 -4.26
CA LYS A 75 0.60 -22.74 -4.34
C LYS A 75 0.75 -23.23 -5.79
N ASN A 76 0.16 -22.52 -6.75
CA ASN A 76 0.16 -22.97 -8.13
C ASN A 76 1.25 -22.30 -8.97
N GLY A 77 2.22 -21.62 -8.35
CA GLY A 77 3.29 -20.97 -9.09
C GLY A 77 2.89 -19.83 -9.99
N ILE A 78 1.81 -19.13 -9.65
CA ILE A 78 1.29 -18.03 -10.53
C ILE A 78 1.95 -16.69 -10.17
N ASN A 79 2.53 -16.00 -11.16
CA ASN A 79 3.10 -14.64 -10.96
C ASN A 79 4.06 -14.62 -9.77
N ASN A 80 5.06 -15.48 -9.77
CA ASN A 80 5.97 -15.62 -8.60
C ASN A 80 7.17 -14.69 -8.66
N ARG A 81 7.35 -13.98 -9.77
N ARG A 81 7.34 -13.98 -9.77
CA ARG A 81 8.55 -13.13 -9.93
CA ARG A 81 8.55 -13.13 -9.93
C ARG A 81 8.36 -11.74 -9.32
C ARG A 81 8.36 -11.75 -9.31
N LEU A 82 7.16 -11.49 -8.77
CA LEU A 82 6.88 -10.16 -8.18
C LEU A 82 7.14 -10.16 -6.67
N LEU A 83 7.30 -11.34 -6.05
CA LEU A 83 7.47 -11.43 -4.57
C LEU A 83 8.78 -10.78 -4.15
N LYS A 84 9.85 -10.97 -4.93
CA LYS A 84 11.17 -10.42 -4.55
C LYS A 84 11.09 -8.90 -4.45
N ILE A 85 10.42 -8.26 -5.40
CA ILE A 85 10.23 -6.78 -5.33
C ILE A 85 9.37 -6.46 -4.12
N ALA A 86 8.24 -7.16 -3.99
CA ALA A 86 7.30 -6.89 -2.88
C ALA A 86 8.05 -7.02 -1.57
N LEU A 87 8.96 -7.98 -1.49
CA LEU A 87 9.65 -8.22 -0.21
C LEU A 87 10.59 -7.06 0.13
N LEU A 88 11.30 -6.53 -0.87
CA LEU A 88 12.12 -5.36 -0.67
C LEU A 88 11.30 -4.19 -0.12
N LEU A 89 10.12 -3.94 -0.73
CA LEU A 89 9.28 -2.86 -0.26
C LEU A 89 8.71 -3.15 1.12
N LEU A 90 8.39 -4.41 1.40
CA LEU A 90 7.89 -4.75 2.73
C LEU A 90 8.97 -4.54 3.78
N ARG A 91 10.21 -4.97 3.49
CA ARG A 91 11.30 -4.75 4.45
C ARG A 91 11.62 -3.27 4.64
N ASN A 92 11.11 -2.39 3.79
CA ASN A 92 11.49 -0.98 3.81
C ASN A 92 10.27 -0.07 3.94
N GLN A 93 9.16 -0.58 4.50
CA GLN A 93 7.93 0.21 4.65
C GLN A 93 8.17 1.54 5.35
N LYS A 94 8.75 1.49 6.55
CA LYS A 94 8.91 2.72 7.32
C LYS A 94 9.80 3.71 6.59
N LYS A 95 10.91 3.23 6.01
CA LYS A 95 11.74 4.08 5.17
C LYS A 95 10.92 4.69 4.03
N ILE A 96 10.09 3.87 3.37
CA ILE A 96 9.29 4.37 2.25
C ILE A 96 8.27 5.40 2.74
N VAL A 97 7.50 5.07 3.78
CA VAL A 97 6.51 6.00 4.28
C VAL A 97 7.16 7.31 4.72
N ASP A 98 8.31 7.23 5.40
CA ASP A 98 8.99 8.44 5.83
C ASP A 98 9.46 9.27 4.64
N LYS A 99 10.06 8.62 3.63
CA LYS A 99 10.52 9.36 2.47
C LYS A 99 9.35 9.98 1.72
N ALA A 100 8.24 9.24 1.59
CA ALA A 100 7.08 9.74 0.86
C ALA A 100 6.45 10.93 1.57
N SER A 101 6.35 10.88 2.90
CA SER A 101 5.73 11.99 3.62
C SER A 101 6.64 13.22 3.67
N GLN A 102 7.95 13.01 3.81
CA GLN A 102 8.88 14.12 3.73
C GLN A 102 8.80 14.80 2.37
N ASP A 103 8.67 14.01 1.30
CA ASP A 103 8.51 14.59 -0.03
C ASP A 103 7.14 15.24 -0.16
N LEU A 104 6.13 14.67 0.50
CA LEU A 104 4.79 15.25 0.47
C LEU A 104 4.75 16.59 1.20
N TRP A 105 5.51 16.70 2.29
CA TRP A 105 5.47 17.92 3.09
C TRP A 105 6.37 19.02 2.51
N ARG A 106 7.41 18.67 1.75
CA ARG A 106 8.13 19.71 1.01
C ARG A 106 7.27 20.29 -0.12
N ARG A 107 6.50 19.44 -0.81
CA ARG A 107 5.68 19.92 -1.91
C ARG A 107 4.51 20.75 -1.42
N HIS A 108 4.03 20.48 -0.20
CA HIS A 108 2.89 21.18 0.36
C HIS A 108 3.18 21.46 1.82
N PRO A 109 3.98 22.48 2.12
CA PRO A 109 4.40 22.71 3.52
C PRO A 109 3.28 23.20 4.41
N GLU A 110 2.22 23.76 3.87
CA GLU A 110 1.08 24.16 4.69
C GLU A 110 0.48 23.00 5.47
N LEU A 111 0.69 21.77 5.03
CA LEU A 111 0.08 20.62 5.70
C LEU A 111 0.56 20.49 7.13
N ILE A 112 1.86 20.72 7.38
CA ILE A 112 2.46 20.54 8.69
C ILE A 112 2.81 21.85 9.36
N ALA A 113 2.55 22.98 8.71
CA ALA A 113 2.69 24.29 9.33
C ALA A 113 1.49 24.58 10.24
N PRO A 114 1.65 25.51 11.18
CA PRO A 114 0.54 25.84 12.09
C PRO A 114 -0.70 26.29 11.32
N GLY A 115 -1.85 25.70 11.67
CA GLY A 115 -3.05 25.83 10.88
C GLY A 115 -3.24 24.73 9.84
N GLY A 116 -2.21 23.89 9.62
CA GLY A 116 -2.34 22.79 8.69
C GLY A 116 -3.00 21.57 9.31
N ILE A 117 -3.52 20.70 8.44
CA ILE A 117 -4.31 19.57 8.91
C ILE A 117 -3.43 18.54 9.59
N ALA A 118 -2.13 18.51 9.28
CA ALA A 118 -1.19 17.61 9.94
C ALA A 118 -0.22 18.37 10.85
N PHE A 119 -0.62 19.55 11.34
CA PHE A 119 0.19 20.21 12.35
C PHE A 119 0.06 19.50 13.70
N SER A 120 -1.14 19.09 14.05
CA SER A 120 -1.33 18.44 15.35
C SER A 120 -0.81 17.01 15.28
N GLN A 121 -0.17 16.56 16.35
CA GLN A 121 0.51 15.28 16.29
C GLN A 121 -0.46 14.11 16.09
N ARG A 122 -1.63 14.17 16.73
CA ARG A 122 -2.66 13.16 16.51
C ARG A 122 -2.96 12.98 15.03
N ASP A 123 -3.22 14.07 14.33
CA ASP A 123 -3.68 13.94 12.94
C ASP A 123 -2.51 13.70 12.00
N ARG A 124 -1.32 14.21 12.31
CA ARG A 124 -0.16 13.79 11.52
C ARG A 124 0.11 12.31 11.69
N ALA A 125 0.01 11.79 12.91
CA ALA A 125 0.23 10.37 13.12
C ALA A 125 -0.81 9.54 12.37
N LEU A 126 -2.05 10.02 12.30
CA LEU A 126 -3.09 9.30 11.56
C LEU A 126 -2.77 9.31 10.07
N CYS A 127 -2.31 10.46 9.55
CA CYS A 127 -1.83 10.51 8.16
C CYS A 127 -0.79 9.45 7.90
N LEU A 128 0.31 9.46 8.67
CA LEU A 128 1.40 8.51 8.42
C LEU A 128 0.89 7.08 8.47
N ARG A 129 0.05 6.77 9.46
CA ARG A 129 -0.47 5.42 9.58
C ARG A 129 -1.29 5.04 8.35
N ASP A 130 -2.20 5.93 7.94
CA ASP A 130 -3.05 5.63 6.79
C ASP A 130 -2.23 5.47 5.51
N TYR A 131 -1.17 6.26 5.36
CA TYR A 131 -0.27 6.10 4.21
C TYR A 131 0.40 4.74 4.24
N GLY A 132 0.83 4.29 5.41
CA GLY A 132 1.44 2.97 5.51
C GLY A 132 0.48 1.86 5.14
N TRP A 133 -0.80 2.03 5.47
CA TRP A 133 -1.81 1.04 5.13
C TRP A 133 -2.10 1.03 3.64
N PHE A 134 -2.24 2.20 3.01
CA PHE A 134 -2.38 2.20 1.55
C PHE A 134 -1.17 1.58 0.89
N LEU A 135 0.03 1.78 1.47
CA LEU A 135 1.22 1.18 0.89
C LEU A 135 1.13 -0.35 0.91
N ILE A 136 0.75 -0.92 2.07
CA ILE A 136 0.77 -2.38 2.15
C ILE A 136 -0.32 -2.98 1.26
N LEU A 137 -1.42 -2.27 1.04
CA LEU A 137 -2.46 -2.78 0.14
C LEU A 137 -1.96 -2.78 -1.29
N ILE A 138 -1.24 -1.73 -1.68
CA ILE A 138 -0.59 -1.72 -2.98
C ILE A 138 0.39 -2.87 -3.10
N VAL A 139 1.14 -3.16 -2.04
CA VAL A 139 2.09 -4.27 -2.15
C VAL A 139 1.36 -5.59 -2.28
N MET A 140 0.21 -5.76 -1.61
CA MET A 140 -0.60 -6.96 -1.87
C MET A 140 -0.98 -7.07 -3.35
N CYS A 141 -1.44 -5.97 -3.95
CA CYS A 141 -1.74 -6.00 -5.37
C CYS A 141 -0.53 -6.42 -6.18
N LEU A 142 0.66 -5.93 -5.80
CA LEU A 142 1.88 -6.28 -6.50
C LEU A 142 2.10 -7.80 -6.48
N VAL A 143 1.92 -8.42 -5.30
CA VAL A 143 2.24 -9.84 -5.16
C VAL A 143 1.38 -10.68 -6.11
N SER A 144 0.09 -10.34 -6.24
CA SER A 144 -0.79 -11.08 -7.14
C SER A 144 -0.31 -11.01 -8.58
N GLY A 145 0.37 -9.92 -8.96
CA GLY A 145 0.82 -9.73 -10.33
C GLY A 145 -0.27 -9.82 -11.38
N ASP A 146 -1.52 -9.54 -11.02
CA ASP A 146 -2.66 -9.74 -11.95
C ASP A 146 -3.70 -8.62 -11.78
N LYS A 147 -3.91 -7.80 -12.80
CA LYS A 147 -4.84 -6.65 -12.74
C LYS A 147 -6.28 -7.10 -12.43
N GLY A 148 -6.64 -8.32 -12.80
CA GLY A 148 -8.03 -8.78 -12.59
C GLY A 148 -8.38 -8.75 -11.12
N PRO A 149 -7.75 -9.57 -10.27
CA PRO A 149 -8.00 -9.55 -8.82
C PRO A 149 -7.64 -8.20 -8.18
N ILE A 150 -6.73 -7.45 -8.78
CA ILE A 150 -6.40 -6.09 -8.26
C ILE A 150 -7.64 -5.21 -8.36
N GLU A 151 -8.37 -5.30 -9.46
CA GLU A 151 -9.55 -4.41 -9.66
C GLU A 151 -10.77 -4.98 -8.95
N LYS A 152 -10.90 -6.30 -8.89
CA LYS A 152 -12.14 -6.92 -8.33
C LYS A 152 -12.03 -7.12 -6.82
N ILE A 153 -10.83 -7.08 -6.26
CA ILE A 153 -10.66 -7.35 -4.80
C ILE A 153 -9.81 -6.27 -4.16
N GLY A 154 -8.56 -6.11 -4.60
CA GLY A 154 -7.65 -5.16 -3.97
C GLY A 154 -8.15 -3.74 -3.97
N LEU A 155 -8.71 -3.28 -5.08
CA LEU A 155 -9.13 -1.88 -5.18
C LEU A 155 -10.38 -1.66 -4.34
N LYS A 156 -11.21 -2.69 -4.22
CA LYS A 156 -12.44 -2.61 -3.39
C LYS A 156 -12.00 -2.48 -1.93
N CYS A 157 -10.91 -3.15 -1.55
CA CYS A 157 -10.38 -3.02 -0.18
C CYS A 157 -9.87 -1.59 0.03
N ILE A 158 -9.17 -1.05 -0.96
CA ILE A 158 -8.61 0.33 -0.84
C ILE A 158 -9.77 1.33 -0.78
N ARG A 159 -10.79 1.17 -1.63
CA ARG A 159 -11.89 2.13 -1.61
C ARG A 159 -12.71 2.03 -0.34
N GLU A 160 -12.97 0.81 0.12
CA GLU A 160 -13.74 0.68 1.37
C GLU A 160 -12.94 1.19 2.55
N MET A 161 -11.63 0.92 2.56
CA MET A 161 -10.80 1.48 3.63
C MET A 161 -10.84 3.00 3.59
N TYR A 162 -10.74 3.57 2.38
CA TYR A 162 -10.78 5.02 2.26
C TYR A 162 -12.10 5.56 2.78
N ASN A 163 -13.20 4.85 2.49
CA ASN A 163 -14.50 5.26 3.00
C ASN A 163 -14.57 5.18 4.52
N SER A 164 -13.97 4.14 5.11
CA SER A 164 -14.01 4.01 6.56
C SER A 164 -13.14 5.04 7.25
N LEU A 165 -11.95 5.30 6.70
CA LEU A 165 -11.05 6.27 7.29
C LEU A 165 -11.62 7.69 7.23
N GLY A 166 -12.37 8.00 6.18
CA GLY A 166 -12.96 9.33 6.04
C GLY A 166 -11.98 10.31 5.42
N VAL A 167 -11.73 11.41 6.12
CA VAL A 167 -10.79 12.43 5.65
C VAL A 167 -9.37 11.89 5.76
N VAL A 168 -8.73 11.67 4.63
CA VAL A 168 -7.32 11.29 4.60
C VAL A 168 -6.59 12.41 3.89
N PRO A 169 -5.91 13.34 4.60
CA PRO A 169 -5.30 14.47 3.93
C PRO A 169 -4.35 14.10 2.78
N ALA A 170 -4.45 14.81 1.65
CA ALA A 170 -3.56 14.61 0.48
C ALA A 170 -3.53 13.14 0.05
N MET A 171 -4.68 12.49 0.08
CA MET A 171 -4.76 11.05 -0.26
C MET A 171 -4.07 10.78 -1.59
N MET A 172 -4.49 11.47 -2.66
CA MET A 172 -3.95 11.14 -4.01
C MET A 172 -2.46 11.50 -4.09
N GLU A 173 -2.08 12.67 -3.59
CA GLU A 173 -0.67 13.05 -3.62
C GLU A 173 0.19 12.06 -2.85
N SER A 174 -0.31 11.58 -1.71
CA SER A 174 0.51 10.69 -0.89
C SER A 174 0.79 9.38 -1.62
N ILE A 175 -0.17 8.89 -2.40
CA ILE A 175 0.06 7.67 -3.16
C ILE A 175 1.12 7.88 -4.24
N ARG A 176 1.10 9.05 -4.91
CA ARG A 176 2.17 9.37 -5.85
C ARG A 176 3.53 9.42 -5.16
N CYS A 177 3.60 10.04 -3.97
CA CYS A 177 4.88 10.05 -3.27
C CYS A 177 5.26 8.65 -2.80
N LEU A 178 4.29 7.85 -2.36
CA LEU A 178 4.59 6.46 -2.03
C LEU A 178 5.15 5.73 -3.22
N LYS A 179 4.62 6.03 -4.41
CA LYS A 179 5.11 5.40 -5.63
C LYS A 179 6.54 5.82 -5.92
N GLU A 180 6.82 7.12 -5.81
CA GLU A 180 8.18 7.56 -6.09
C GLU A 180 9.15 7.07 -5.03
N ALA A 181 8.75 7.13 -3.75
CA ALA A 181 9.62 6.59 -2.70
C ALA A 181 9.90 5.11 -2.93
N SER A 182 8.90 4.37 -3.42
CA SER A 182 9.09 2.94 -3.66
C SER A 182 10.05 2.70 -4.82
N LEU A 183 9.77 3.28 -6.00
CA LEU A 183 10.64 3.08 -7.14
C LEU A 183 12.07 3.53 -6.84
N SER A 184 12.26 4.44 -5.88
CA SER A 184 13.59 4.86 -5.41
C SER A 184 14.47 3.68 -5.03
N LEU A 185 13.89 2.61 -4.51
CA LEU A 185 14.67 1.49 -4.00
C LEU A 185 14.92 0.40 -5.04
N LEU A 186 14.55 0.64 -6.30
CA LEU A 186 14.53 -0.42 -7.31
C LEU A 186 15.38 -0.05 -8.50
N ASP A 187 15.98 -1.06 -9.14
CA ASP A 187 16.67 -0.80 -10.39
C ASP A 187 15.67 -0.50 -11.50
N GLU A 188 16.19 0.11 -12.57
CA GLU A 188 15.35 0.50 -13.69
C GLU A 188 14.44 -0.62 -14.18
N GLU A 189 14.93 -1.85 -14.21
CA GLU A 189 14.12 -2.95 -14.70
C GLU A 189 13.03 -3.34 -13.71
N ASP A 190 13.30 -3.24 -12.39
CA ASP A 190 12.25 -3.51 -11.40
C ASP A 190 11.25 -2.38 -11.34
N ALA A 191 11.73 -1.14 -11.53
CA ALA A 191 10.85 0.01 -11.55
C ALA A 191 9.86 -0.07 -12.71
N ASN A 192 10.37 -0.41 -13.90
CA ASN A 192 9.51 -0.55 -15.07
C ASN A 192 8.46 -1.63 -14.89
N GLU A 193 8.66 -2.57 -13.98
CA GLU A 193 7.63 -3.57 -13.70
C GLU A 193 6.66 -3.14 -12.62
N THR A 194 7.13 -2.33 -11.66
CA THR A 194 6.36 -1.95 -10.48
C THR A 194 5.50 -0.70 -10.70
N ALA A 195 6.01 0.26 -11.46
CA ALA A 195 5.27 1.48 -11.76
C ALA A 195 3.87 1.22 -12.30
N PRO A 196 3.63 0.32 -13.26
CA PRO A 196 2.25 0.09 -13.70
C PRO A 196 1.30 -0.36 -12.60
N TYR A 197 1.80 -0.89 -11.48
CA TYR A 197 0.91 -1.26 -10.39
C TYR A 197 0.49 -0.04 -9.58
N PHE A 198 1.41 0.87 -9.31
CA PHE A 198 1.02 2.13 -8.68
C PHE A 198 0.12 2.94 -9.61
N ASP A 199 0.44 2.99 -10.91
CA ASP A 199 -0.35 3.81 -11.81
C ASP A 199 -1.79 3.32 -11.95
N TYR A 200 -2.00 2.01 -11.83
CA TYR A 200 -3.37 1.50 -11.91
C TYR A 200 -4.16 1.86 -10.66
N ILE A 201 -3.52 1.89 -9.49
CA ILE A 201 -4.20 2.33 -8.28
C ILE A 201 -4.47 3.84 -8.32
N ILE A 202 -3.46 4.62 -8.72
CA ILE A 202 -3.59 6.07 -8.77
C ILE A 202 -4.73 6.46 -9.72
N LYS A 203 -4.75 5.87 -10.92
CA LYS A 203 -5.79 6.19 -11.89
C LYS A 203 -7.16 5.87 -11.31
N ALA A 204 -7.29 4.69 -10.70
CA ALA A 204 -8.59 4.21 -10.29
C ALA A 204 -9.17 4.96 -9.09
N MET A 205 -8.32 5.58 -8.25
CA MET A 205 -8.83 6.45 -7.20
C MET A 205 -9.19 7.84 -7.71
N SER A 206 -9.32 8.00 -9.02
CA SER A 206 -9.66 9.27 -9.69
C SER A 206 -8.69 10.37 -9.32
#